data_4OLE
#
_entry.id   4OLE
#
_cell.length_a   111.457
_cell.length_b   111.457
_cell.length_c   230.607
_cell.angle_alpha   90.000
_cell.angle_beta   90.000
_cell.angle_gamma   90.000
#
_symmetry.space_group_name_H-M   'P 42 21 2'
#
loop_
_entity.id
_entity.type
_entity.pdbx_description
1 polymer 'Next to BRCA1 gene 1 protein'
2 non-polymer 'SULFATE ION'
3 non-polymer 1,2-ETHANEDIOL
4 water water
#
_entity_poly.entity_id   1
_entity_poly.type   'polypeptide(L)'
_entity_poly.pdbx_seq_one_letter_code
;GTSV(MSE)P(MSE)LSAAFVDENLPDGTHLQPGTKFIKHWR(MSE)KNTGNVKWSADTKLKF(MSE)WGNLTLASTEKK
DVLVPCLKAGHVGVVSVEFIAPALEGTYTSHWRLSHKGQQFGPRVWCSIIVDPFPSEE
;
_entity_poly.pdbx_strand_id   A,B,C,D
#
loop_
_chem_comp.id
_chem_comp.type
_chem_comp.name
_chem_comp.formula
EDO non-polymer 1,2-ETHANEDIOL 'C2 H6 O2'
SO4 non-polymer 'SULFATE ION' 'O4 S -2'
#
# COMPACT_ATOMS: atom_id res chain seq x y z
N GLY A 1 8.27 29.17 7.57
CA GLY A 1 8.86 28.57 6.37
C GLY A 1 8.91 27.07 6.42
N THR A 2 9.50 26.47 5.39
CA THR A 2 9.62 25.02 5.24
C THR A 2 10.86 24.64 4.41
N SER A 3 11.34 23.41 4.57
CA SER A 3 12.46 22.86 3.82
C SER A 3 12.29 21.37 3.65
N VAL A 4 12.71 20.86 2.48
CA VAL A 4 12.66 19.43 2.24
C VAL A 4 13.65 18.77 3.21
N MSE A 5 13.34 17.56 3.59
CA MSE A 5 14.14 16.78 4.52
C MSE A 5 14.41 15.43 3.90
O MSE A 5 13.74 15.13 2.91
CB MSE A 5 13.42 16.66 5.85
CG MSE A 5 13.48 17.93 6.65
SE MSE A 5 15.26 18.37 7.26
CE MSE A 5 15.27 17.43 8.92
N PRO A 6 15.41 14.64 4.37
CA PRO A 6 15.70 13.35 3.70
C PRO A 6 14.50 12.43 3.64
N MSE A 7 14.28 11.88 2.46
CA MSE A 7 13.21 10.95 2.21
C MSE A 7 13.67 9.79 1.37
O MSE A 7 14.04 9.95 0.21
CB MSE A 7 12.03 11.63 1.53
CG MSE A 7 10.89 10.68 1.38
SE MSE A 7 9.56 11.29 0.14
CE MSE A 7 10.62 12.24 -1.31
N LEU A 8 13.60 8.59 1.97
CA LEU A 8 13.90 7.34 1.30
C LEU A 8 12.61 6.78 0.78
N SER A 9 12.54 6.60 -0.52
CA SER A 9 11.34 6.11 -1.16
C SER A 9 11.71 5.29 -2.40
N ALA A 10 10.85 4.33 -2.75
CA ALA A 10 11.05 3.49 -3.93
C ALA A 10 9.72 3.11 -4.54
N ALA A 11 9.74 2.84 -5.85
CA ALA A 11 8.58 2.36 -6.61
C ALA A 11 8.98 1.17 -7.44
N PHE A 12 8.11 0.16 -7.51
CA PHE A 12 8.36 -0.99 -8.36
C PHE A 12 8.07 -0.58 -9.79
N VAL A 13 8.91 -1.01 -10.73
CA VAL A 13 8.71 -0.69 -12.14
C VAL A 13 8.34 -1.97 -12.87
N ASP A 14 9.21 -2.97 -12.80
CA ASP A 14 9.12 -4.20 -13.56
C ASP A 14 9.94 -5.31 -12.90
N GLU A 15 9.92 -6.53 -13.46
CA GLU A 15 10.69 -7.67 -12.97
C GLU A 15 10.83 -8.74 -14.04
N ASN A 16 11.79 -9.66 -13.85
CA ASN A 16 11.91 -10.86 -14.70
C ASN A 16 11.21 -11.99 -13.91
N LEU A 17 11.29 -13.26 -14.35
CA LEU A 17 10.72 -14.43 -13.66
C LEU A 17 9.34 -14.14 -13.07
N PRO A 18 8.31 -14.09 -13.92
CA PRO A 18 6.96 -13.87 -13.39
C PRO A 18 6.60 -14.88 -12.31
N ASP A 19 5.76 -14.47 -11.36
CA ASP A 19 5.29 -15.34 -10.30
C ASP A 19 4.69 -16.60 -10.88
N GLY A 20 5.08 -17.75 -10.34
CA GLY A 20 4.56 -19.03 -10.78
C GLY A 20 5.36 -19.69 -11.88
N THR A 21 6.52 -19.13 -12.22
CA THR A 21 7.42 -19.71 -13.21
C THR A 21 7.86 -21.08 -12.72
N HIS A 22 7.74 -22.09 -13.59
CA HIS A 22 8.13 -23.47 -13.30
C HIS A 22 9.61 -23.65 -13.59
N LEU A 23 10.33 -24.28 -12.65
CA LEU A 23 11.77 -24.53 -12.78
C LEU A 23 12.10 -25.95 -12.37
N GLN A 24 13.19 -26.50 -12.92
CA GLN A 24 13.63 -27.83 -12.56
C GLN A 24 14.34 -27.81 -11.20
N PRO A 25 14.31 -28.89 -10.42
CA PRO A 25 15.04 -28.87 -9.14
C PRO A 25 16.53 -28.62 -9.37
N GLY A 26 17.13 -27.80 -8.51
CA GLY A 26 18.55 -27.47 -8.58
C GLY A 26 18.94 -26.31 -9.46
N THR A 27 17.98 -25.70 -10.18
CA THR A 27 18.24 -24.57 -11.08
C THR A 27 18.68 -23.33 -10.32
N LYS A 28 19.85 -22.79 -10.69
CA LYS A 28 20.36 -21.51 -10.17
C LYS A 28 19.81 -20.43 -11.08
N PHE A 29 19.26 -19.36 -10.51
CA PHE A 29 18.67 -18.30 -11.31
C PHE A 29 18.78 -16.98 -10.59
N ILE A 30 18.76 -15.87 -11.36
CA ILE A 30 18.83 -14.52 -10.81
C ILE A 30 17.48 -13.88 -11.00
N LYS A 31 16.90 -13.42 -9.89
CA LYS A 31 15.67 -12.66 -9.87
C LYS A 31 16.06 -11.19 -9.93
N HIS A 32 15.41 -10.42 -10.81
CA HIS A 32 15.64 -8.98 -10.98
C HIS A 32 14.39 -8.22 -10.75
N TRP A 33 14.46 -7.13 -9.98
CA TRP A 33 13.34 -6.21 -9.79
C TRP A 33 13.80 -4.88 -10.21
N ARG A 34 13.14 -4.30 -11.22
CA ARG A 34 13.50 -2.98 -11.70
C ARG A 34 12.76 -1.98 -10.83
N MSE A 35 13.51 -1.06 -10.25
CA MSE A 35 12.94 -0.12 -9.30
C MSE A 35 13.40 1.29 -9.51
O MSE A 35 14.46 1.55 -10.05
CB MSE A 35 13.28 -0.60 -7.89
CG MSE A 35 12.54 -1.92 -7.61
SE MSE A 35 12.74 -2.49 -5.89
CE MSE A 35 11.27 -1.42 -5.15
N LYS A 36 12.54 2.23 -9.11
CA LYS A 36 12.81 3.65 -9.21
C LYS A 36 13.07 4.24 -7.82
N ASN A 37 14.07 5.11 -7.73
CA ASN A 37 14.36 5.86 -6.52
C ASN A 37 13.43 7.07 -6.53
N THR A 38 12.30 6.98 -5.82
CA THR A 38 11.32 8.06 -5.83
C THR A 38 11.53 9.01 -4.63
N GLY A 39 12.64 8.84 -3.93
CA GLY A 39 13.05 9.67 -2.80
C GLY A 39 13.95 10.79 -3.25
N ASN A 40 14.55 11.50 -2.29
CA ASN A 40 15.44 12.63 -2.59
C ASN A 40 16.88 12.33 -2.14
N VAL A 41 17.11 11.09 -1.66
CA VAL A 41 18.39 10.61 -1.15
C VAL A 41 18.92 9.53 -2.05
N LYS A 42 20.17 9.70 -2.54
CA LYS A 42 20.86 8.72 -3.37
C LYS A 42 21.12 7.48 -2.52
N TRP A 43 20.87 6.28 -3.06
CA TRP A 43 21.09 5.07 -2.28
C TRP A 43 22.58 4.84 -2.14
N SER A 44 23.00 4.16 -1.06
CA SER A 44 24.42 4.00 -0.75
C SER A 44 24.72 2.64 -0.17
N ALA A 45 25.87 2.52 0.51
CA ALA A 45 26.30 1.30 1.20
C ALA A 45 25.36 1.01 2.38
N ASP A 46 24.66 2.05 2.86
CA ASP A 46 23.69 1.96 3.95
C ASP A 46 22.35 1.45 3.47
N THR A 47 22.14 1.38 2.12
CA THR A 47 20.91 0.87 1.52
C THR A 47 21.08 -0.59 1.26
N LYS A 48 20.18 -1.38 1.81
CA LYS A 48 20.24 -2.82 1.72
C LYS A 48 18.87 -3.39 1.37
N LEU A 49 18.84 -4.63 0.86
CA LEU A 49 17.60 -5.35 0.58
C LEU A 49 17.46 -6.37 1.68
N LYS A 50 16.50 -6.14 2.58
CA LYS A 50 16.25 -6.96 3.74
C LYS A 50 15.29 -8.11 3.42
N PHE A 51 15.64 -9.32 3.86
CA PHE A 51 14.82 -10.51 3.71
C PHE A 51 13.68 -10.44 4.71
N MSE A 52 12.45 -10.65 4.23
CA MSE A 52 11.23 -10.58 5.04
C MSE A 52 10.79 -11.98 5.47
O MSE A 52 10.82 -12.27 6.66
CB MSE A 52 10.10 -9.87 4.27
CG MSE A 52 10.48 -8.45 3.77
SE MSE A 52 10.76 -7.22 5.24
CE MSE A 52 8.81 -6.84 5.50
N TRP A 53 10.37 -12.84 4.52
CA TRP A 53 9.92 -14.20 4.79
C TRP A 53 9.91 -14.99 3.50
N GLY A 54 9.65 -16.29 3.60
CA GLY A 54 9.57 -17.19 2.46
C GLY A 54 10.44 -18.43 2.61
N ASN A 55 10.19 -19.42 1.75
CA ASN A 55 10.87 -20.70 1.82
C ASN A 55 11.82 -20.94 0.62
N LEU A 56 11.92 -19.98 -0.33
CA LEU A 56 12.84 -20.11 -1.47
C LEU A 56 14.26 -19.88 -0.98
N THR A 57 15.16 -20.81 -1.32
CA THR A 57 16.55 -20.76 -0.88
C THR A 57 17.45 -19.90 -1.77
N LEU A 58 18.34 -19.14 -1.11
CA LEU A 58 19.41 -18.36 -1.73
C LEU A 58 20.45 -19.31 -2.30
N ALA A 59 21.17 -18.89 -3.35
CA ALA A 59 22.21 -19.72 -3.95
C ALA A 59 23.40 -19.93 -2.97
N SER A 60 23.73 -18.92 -2.12
CA SER A 60 24.81 -19.01 -1.10
C SER A 60 24.44 -18.18 0.16
N THR A 61 25.15 -17.05 0.45
CA THR A 61 24.89 -16.15 1.61
C THR A 61 24.27 -14.83 1.11
N GLU A 62 23.66 -14.03 2.01
CA GLU A 62 23.02 -12.74 1.67
C GLU A 62 24.04 -11.68 1.21
N LYS A 63 25.27 -11.71 1.74
CA LYS A 63 26.34 -10.79 1.38
C LYS A 63 26.79 -11.00 -0.09
N LYS A 64 26.82 -12.27 -0.55
CA LYS A 64 27.22 -12.69 -1.89
C LYS A 64 26.08 -12.61 -2.96
N ASP A 65 24.81 -12.89 -2.57
CA ASP A 65 23.66 -13.00 -3.49
C ASP A 65 22.77 -11.75 -3.68
N VAL A 66 22.83 -10.72 -2.79
CA VAL A 66 21.99 -9.51 -2.86
C VAL A 66 22.78 -8.26 -3.28
N LEU A 67 22.27 -7.60 -4.35
CA LEU A 67 22.84 -6.36 -4.92
C LEU A 67 21.82 -5.22 -4.95
N VAL A 68 22.15 -4.08 -4.28
CA VAL A 68 21.35 -2.85 -4.30
C VAL A 68 22.16 -1.77 -5.02
N PRO A 69 21.69 -1.25 -6.19
CA PRO A 69 22.46 -0.21 -6.90
C PRO A 69 22.42 1.12 -6.15
N CYS A 70 23.46 1.94 -6.30
CA CYS A 70 23.49 3.26 -5.64
C CYS A 70 22.73 4.28 -6.50
N LEU A 71 21.41 4.05 -6.63
CA LEU A 71 20.51 4.86 -7.45
C LEU A 71 20.41 6.28 -6.99
N LYS A 72 20.63 7.21 -7.93
CA LYS A 72 20.46 8.63 -7.70
C LYS A 72 18.96 8.88 -7.62
N ALA A 73 18.54 9.97 -6.96
CA ALA A 73 17.13 10.31 -6.85
C ALA A 73 16.51 10.50 -8.24
N GLY A 74 15.39 9.84 -8.49
CA GLY A 74 14.69 9.91 -9.77
C GLY A 74 15.13 8.91 -10.81
N HIS A 75 16.18 8.13 -10.53
CA HIS A 75 16.73 7.15 -11.46
C HIS A 75 16.12 5.76 -11.24
N VAL A 76 16.21 4.94 -12.29
CA VAL A 76 15.70 3.56 -12.33
C VAL A 76 16.86 2.59 -12.48
N GLY A 77 16.88 1.56 -11.64
CA GLY A 77 17.91 0.54 -11.63
C GLY A 77 17.36 -0.83 -11.26
N VAL A 78 18.25 -1.81 -11.16
CA VAL A 78 17.88 -3.19 -10.86
C VAL A 78 18.49 -3.69 -9.55
N VAL A 79 17.62 -4.29 -8.73
CA VAL A 79 17.87 -5.00 -7.48
C VAL A 79 17.81 -6.46 -7.88
N SER A 80 18.89 -7.22 -7.60
CA SER A 80 19.02 -8.61 -7.99
C SER A 80 19.34 -9.57 -6.83
N VAL A 81 18.75 -10.78 -6.85
CA VAL A 81 19.00 -11.82 -5.84
C VAL A 81 19.24 -13.12 -6.59
N GLU A 82 20.34 -13.83 -6.26
CA GLU A 82 20.60 -15.11 -6.88
C GLU A 82 20.07 -16.24 -5.98
N PHE A 83 19.17 -17.06 -6.51
CA PHE A 83 18.51 -18.18 -5.82
C PHE A 83 18.87 -19.52 -6.43
N ILE A 84 18.51 -20.61 -5.72
CA ILE A 84 18.64 -21.97 -6.21
C ILE A 84 17.30 -22.66 -5.93
N ALA A 85 16.73 -23.32 -6.94
CA ALA A 85 15.48 -24.07 -6.80
C ALA A 85 15.74 -25.29 -5.91
N PRO A 86 15.00 -25.46 -4.77
CA PRO A 86 15.24 -26.65 -3.91
C PRO A 86 15.01 -27.97 -4.66
N ALA A 87 15.48 -29.09 -4.09
CA ALA A 87 15.37 -30.42 -4.70
C ALA A 87 13.93 -30.93 -4.77
N LEU A 88 13.10 -30.59 -3.79
CA LEU A 88 11.74 -31.07 -3.73
C LEU A 88 10.80 -30.20 -4.51
N GLU A 89 9.87 -30.82 -5.23
CA GLU A 89 8.84 -30.13 -5.97
C GLU A 89 7.94 -29.28 -5.02
N GLY A 90 7.27 -28.27 -5.55
CA GLY A 90 6.39 -27.45 -4.74
C GLY A 90 6.50 -25.98 -5.04
N THR A 91 5.82 -25.16 -4.20
CA THR A 91 5.77 -23.69 -4.32
C THR A 91 6.78 -23.06 -3.38
N TYR A 92 7.64 -22.18 -3.92
CA TYR A 92 8.66 -21.50 -3.13
C TYR A 92 8.62 -20.01 -3.39
N THR A 93 8.59 -19.23 -2.30
CA THR A 93 8.55 -17.76 -2.37
C THR A 93 9.63 -17.15 -1.49
N SER A 94 10.00 -15.90 -1.76
CA SER A 94 11.01 -15.15 -1.00
C SER A 94 10.71 -13.66 -1.10
N HIS A 95 10.33 -13.03 0.04
CA HIS A 95 9.94 -11.61 0.13
C HIS A 95 11.04 -10.77 0.69
N TRP A 96 11.21 -9.58 0.12
CA TRP A 96 12.25 -8.62 0.40
C TRP A 96 11.72 -7.20 0.44
N ARG A 97 12.44 -6.32 1.13
CA ARG A 97 12.12 -4.91 1.21
C ARG A 97 13.40 -4.12 1.40
N LEU A 98 13.50 -2.96 0.72
CA LEU A 98 14.67 -2.09 0.87
C LEU A 98 14.72 -1.49 2.28
N SER A 99 15.92 -1.22 2.74
CA SER A 99 16.18 -0.69 4.08
C SER A 99 17.37 0.23 4.03
N HIS A 100 17.21 1.46 4.51
CA HIS A 100 18.30 2.44 4.56
C HIS A 100 18.58 2.77 5.99
N LYS A 101 19.81 2.52 6.45
CA LYS A 101 20.26 2.76 7.83
C LYS A 101 19.29 2.08 8.83
N GLY A 102 18.85 0.86 8.50
CA GLY A 102 17.94 0.08 9.32
C GLY A 102 16.46 0.40 9.24
N GLN A 103 16.06 1.42 8.42
CA GLN A 103 14.66 1.78 8.27
C GLN A 103 14.14 1.34 6.91
N GLN A 104 13.14 0.46 6.94
CA GLN A 104 12.51 -0.10 5.74
C GLN A 104 11.78 0.98 4.98
N PHE A 105 11.78 0.87 3.65
CA PHE A 105 11.09 1.80 2.76
C PHE A 105 10.78 1.10 1.46
N GLY A 106 9.88 1.70 0.69
CA GLY A 106 9.44 1.18 -0.61
C GLY A 106 8.51 0.00 -0.49
N PRO A 107 8.13 -0.60 -1.65
CA PRO A 107 7.20 -1.74 -1.61
C PRO A 107 7.90 -3.04 -1.21
N ARG A 108 7.11 -4.06 -0.93
CA ARG A 108 7.64 -5.40 -0.74
C ARG A 108 7.77 -6.00 -2.13
N VAL A 109 8.88 -6.70 -2.39
CA VAL A 109 9.13 -7.36 -3.67
C VAL A 109 9.38 -8.83 -3.37
N TRP A 110 8.97 -9.71 -4.27
CA TRP A 110 9.19 -11.13 -4.05
C TRP A 110 9.43 -11.88 -5.32
N CYS A 111 9.92 -13.09 -5.12
CA CYS A 111 10.12 -14.11 -6.12
C CYS A 111 9.24 -15.28 -5.74
N SER A 112 8.49 -15.81 -6.72
CA SER A 112 7.58 -16.92 -6.52
C SER A 112 7.73 -17.90 -7.66
N ILE A 113 8.21 -19.11 -7.37
CA ILE A 113 8.43 -20.14 -8.39
C ILE A 113 7.72 -21.42 -8.02
N ILE A 114 7.65 -22.33 -8.99
CA ILE A 114 7.14 -23.68 -8.80
C ILE A 114 8.25 -24.63 -9.21
N VAL A 115 8.68 -25.51 -8.30
CA VAL A 115 9.69 -26.52 -8.63
C VAL A 115 8.91 -27.74 -9.19
N ASP A 116 9.20 -28.07 -10.43
CA ASP A 116 8.59 -29.22 -11.10
C ASP A 116 9.32 -30.48 -10.72
N PRO A 117 8.66 -31.66 -10.65
CA PRO A 117 9.43 -32.87 -10.39
C PRO A 117 10.31 -33.21 -11.60
N PHE A 118 11.40 -33.94 -11.36
CA PHE A 118 12.28 -34.40 -12.42
C PHE A 118 11.54 -35.26 -13.44
N PRO A 119 11.93 -35.24 -14.74
CA PRO A 119 11.28 -36.14 -15.71
C PRO A 119 11.70 -37.60 -15.42
N SER A 120 10.81 -38.57 -15.68
CA SER A 120 11.11 -39.98 -15.41
C SER A 120 12.36 -40.48 -16.18
N GLU A 121 13.16 -41.35 -15.51
CA GLU A 121 14.35 -41.98 -16.08
C GLU A 121 13.93 -42.81 -17.28
N GLU A 122 12.90 -43.64 -17.07
CA GLU A 122 12.22 -44.49 -18.04
C GLU A 122 10.76 -44.57 -17.64
N GLY B 1 6.72 -10.69 -7.96
CA GLY B 1 5.61 -9.80 -7.67
C GLY B 1 5.98 -8.71 -6.70
N THR B 2 5.00 -7.86 -6.34
CA THR B 2 5.20 -6.70 -5.43
C THR B 2 3.91 -6.32 -4.71
N SER B 3 4.04 -5.61 -3.57
CA SER B 3 2.90 -5.09 -2.81
C SER B 3 3.24 -3.77 -2.16
N VAL B 4 2.22 -2.88 -2.03
CA VAL B 4 2.42 -1.63 -1.30
C VAL B 4 2.66 -2.00 0.18
N MSE B 5 3.43 -1.17 0.84
CA MSE B 5 3.79 -1.31 2.23
C MSE B 5 3.51 0.01 2.93
O MSE B 5 3.35 1.02 2.23
CB MSE B 5 5.25 -1.70 2.32
CG MSE B 5 5.49 -3.15 1.96
SE MSE B 5 4.62 -4.44 3.14
CE MSE B 5 6.00 -4.57 4.54
N PRO B 6 3.43 0.06 4.28
CA PRO B 6 3.13 1.35 4.95
C PRO B 6 4.13 2.43 4.64
N MSE B 7 3.62 3.62 4.35
CA MSE B 7 4.44 4.78 4.06
C MSE B 7 3.90 6.04 4.73
O MSE B 7 2.81 6.49 4.41
CB MSE B 7 4.56 5.00 2.57
CG MSE B 7 5.48 6.14 2.25
SE MSE B 7 5.36 6.78 0.45
CE MSE B 7 3.33 6.63 0.02
N LEU B 8 4.73 6.63 5.61
CA LEU B 8 4.41 7.90 6.27
C LEU B 8 5.03 8.99 5.44
N SER B 9 4.19 9.90 4.97
CA SER B 9 4.67 10.99 4.14
C SER B 9 3.82 12.25 4.36
N ALA B 10 4.42 13.43 4.17
CA ALA B 10 3.72 14.72 4.31
C ALA B 10 4.27 15.74 3.35
N ALA B 11 3.44 16.71 2.99
CA ALA B 11 3.82 17.84 2.13
C ALA B 11 3.32 19.13 2.76
N PHE B 12 4.13 20.16 2.65
CA PHE B 12 3.73 21.49 3.12
C PHE B 12 2.77 22.08 2.10
N VAL B 13 1.70 22.73 2.59
CA VAL B 13 0.73 23.37 1.71
C VAL B 13 0.90 24.89 1.82
N ASP B 14 0.63 25.45 3.00
CA ASP B 14 0.81 26.89 3.26
C ASP B 14 0.88 27.16 4.75
N GLU B 15 1.05 28.43 5.13
CA GLU B 15 1.20 28.85 6.51
C GLU B 15 0.74 30.29 6.71
N ASN B 16 0.63 30.72 7.98
CA ASN B 16 0.39 32.10 8.38
C ASN B 16 1.75 32.65 8.85
N LEU B 17 1.79 33.87 9.44
CA LEU B 17 3.02 34.51 9.98
C LEU B 17 4.23 34.30 9.10
N PRO B 18 4.33 35.02 7.98
CA PRO B 18 5.50 34.84 7.10
C PRO B 18 6.80 35.04 7.86
N ASP B 19 7.85 34.33 7.45
CA ASP B 19 9.17 34.46 8.08
C ASP B 19 9.61 35.91 8.11
N GLY B 20 10.08 36.36 9.26
CA GLY B 20 10.56 37.73 9.43
C GLY B 20 9.52 38.72 9.89
N THR B 21 8.31 38.23 10.25
CA THR B 21 7.24 39.08 10.76
C THR B 21 7.70 39.71 12.07
N HIS B 22 7.51 41.04 12.18
CA HIS B 22 7.88 41.81 13.38
C HIS B 22 6.76 41.77 14.39
N LEU B 23 7.08 41.44 15.65
CA LEU B 23 6.11 41.36 16.74
C LEU B 23 6.62 42.08 17.93
N GLN B 24 5.71 42.61 18.74
CA GLN B 24 6.09 43.32 19.96
C GLN B 24 6.51 42.34 21.05
N PRO B 25 7.45 42.70 21.94
CA PRO B 25 7.80 41.76 23.03
C PRO B 25 6.57 41.37 23.83
N GLY B 26 6.46 40.09 24.19
CA GLY B 26 5.37 39.55 24.98
C GLY B 26 4.12 39.10 24.23
N THR B 27 4.10 39.25 22.90
CA THR B 27 2.95 38.86 22.07
C THR B 27 2.78 37.35 22.03
N LYS B 28 1.58 36.88 22.38
CA LYS B 28 1.18 35.48 22.26
C LYS B 28 0.58 35.33 20.87
N PHE B 29 1.00 34.29 20.15
CA PHE B 29 0.51 34.09 18.79
C PHE B 29 0.51 32.63 18.44
N ILE B 30 -0.38 32.23 17.51
CA ILE B 30 -0.45 30.84 17.05
C ILE B 30 0.07 30.75 15.64
N LYS B 31 1.04 29.87 15.43
CA LYS B 31 1.62 29.58 14.13
C LYS B 31 0.88 28.37 13.56
N HIS B 32 0.37 28.49 12.29
CA HIS B 32 -0.32 27.40 11.59
CA HIS B 32 -0.36 27.42 11.56
C HIS B 32 0.47 26.97 10.37
N TRP B 33 0.54 25.67 10.15
CA TRP B 33 1.13 25.04 8.96
C TRP B 33 0.08 24.12 8.44
N ARG B 34 -0.42 24.43 7.25
CA ARG B 34 -1.40 23.56 6.61
C ARG B 34 -0.58 22.52 5.89
N MSE B 35 -0.90 21.24 6.12
CA MSE B 35 -0.15 20.14 5.56
C MSE B 35 -1.01 19.04 5.00
O MSE B 35 -2.16 18.87 5.39
CB MSE B 35 0.79 19.60 6.63
CG MSE B 35 1.85 20.65 6.93
SE MSE B 35 3.14 20.03 8.05
CE MSE B 35 4.23 19.14 6.76
N LYS B 36 -0.45 18.32 4.02
CA LYS B 36 -1.13 17.23 3.35
C LYS B 36 -0.52 15.89 3.73
N ASN B 37 -1.36 14.89 3.99
CA ASN B 37 -0.89 13.53 4.25
C ASN B 37 -0.71 12.89 2.86
N THR B 38 0.55 12.81 2.40
CA THR B 38 0.86 12.27 1.07
C THR B 38 1.29 10.78 1.16
N GLY B 39 1.11 10.18 2.33
CA GLY B 39 1.41 8.77 2.56
C GLY B 39 0.18 7.91 2.39
N ASN B 40 0.27 6.65 2.83
CA ASN B 40 -0.86 5.72 2.69
C ASN B 40 -1.37 5.27 4.08
N VAL B 41 -0.83 5.86 5.14
CA VAL B 41 -1.15 5.58 6.54
C VAL B 41 -1.80 6.84 7.16
N LYS B 42 -3.00 6.66 7.74
CA LYS B 42 -3.74 7.70 8.44
C LYS B 42 -2.96 8.08 9.68
N TRP B 43 -2.83 9.38 9.95
CA TRP B 43 -2.11 9.83 11.15
C TRP B 43 -2.94 9.51 12.38
N SER B 44 -2.28 9.31 13.53
CA SER B 44 -2.95 8.89 14.75
C SER B 44 -2.36 9.54 15.98
N ALA B 45 -2.62 8.94 17.15
CA ALA B 45 -2.07 9.40 18.44
C ALA B 45 -0.55 9.19 18.46
N ASP B 46 -0.05 8.28 17.60
CA ASP B 46 1.37 7.98 17.44
C ASP B 46 2.08 9.01 16.56
N THR B 47 1.30 9.88 15.87
CA THR B 47 1.84 10.95 15.02
C THR B 47 1.98 12.18 15.87
N LYS B 48 3.19 12.72 15.91
CA LYS B 48 3.51 13.87 16.73
C LYS B 48 4.33 14.89 15.94
N LEU B 49 4.35 16.15 16.39
CA LEU B 49 5.17 17.19 15.81
C LEU B 49 6.33 17.39 16.77
N LYS B 50 7.51 16.92 16.34
CA LYS B 50 8.74 16.93 17.13
C LYS B 50 9.47 18.25 16.96
N PHE B 51 9.92 18.81 18.08
CA PHE B 51 10.72 20.03 18.11
C PHE B 51 12.15 19.68 17.68
N MSE B 52 12.69 20.44 16.72
CA MSE B 52 14.03 20.21 16.16
C MSE B 52 15.06 21.12 16.83
O MSE B 52 15.95 20.62 17.52
CB MSE B 52 14.02 20.41 14.64
CG MSE B 52 13.02 19.54 13.91
SE MSE B 52 13.48 17.64 14.05
CE MSE B 52 14.86 17.70 12.60
N TRP B 53 14.95 22.45 16.63
CA TRP B 53 15.84 23.45 17.20
C TRP B 53 15.20 24.83 17.10
N GLY B 54 15.84 25.80 17.72
CA GLY B 54 15.38 27.19 17.69
C GLY B 54 15.31 27.81 19.07
N ASN B 55 15.22 29.14 19.10
CA ASN B 55 15.20 29.89 20.34
C ASN B 55 13.85 30.57 20.62
N LEU B 56 12.85 30.43 19.74
CA LEU B 56 11.52 31.00 19.96
C LEU B 56 10.82 30.20 21.03
N THR B 57 10.33 30.88 22.08
CA THR B 57 9.69 30.24 23.22
C THR B 57 8.22 29.89 22.98
N LEU B 58 7.83 28.71 23.47
CA LEU B 58 6.45 28.23 23.50
C LEU B 58 5.68 29.04 24.52
N ALA B 59 4.37 29.20 24.33
CA ALA B 59 3.55 29.96 25.28
C ALA B 59 3.42 29.22 26.63
N SER B 60 3.49 27.86 26.61
N SER B 60 3.37 27.86 26.64
CA SER B 60 3.45 27.01 27.79
CA SER B 60 3.20 27.12 27.89
C SER B 60 4.32 25.73 27.60
C SER B 60 4.49 26.40 28.34
N THR B 61 3.69 24.56 27.38
N THR B 61 4.70 26.34 29.67
CA THR B 61 4.34 23.25 27.22
CA THR B 61 5.84 25.69 30.32
C THR B 61 4.15 22.74 25.78
C THR B 61 5.64 24.16 30.38
N GLU B 62 5.05 21.83 25.34
N GLU B 62 4.38 23.69 30.21
CA GLU B 62 4.99 21.21 24.02
CA GLU B 62 3.97 22.28 30.24
C GLU B 62 3.67 20.45 23.85
C GLU B 62 4.61 21.45 29.11
N LYS B 63 3.26 19.65 24.86
N LYS B 63 4.94 20.20 29.41
CA LYS B 63 2.00 18.88 24.85
CA LYS B 63 5.59 19.27 28.48
C LYS B 63 0.75 19.79 24.89
C LYS B 63 4.62 18.65 27.44
N LYS B 64 0.91 21.04 25.39
N LYS B 64 3.30 18.93 27.56
CA LYS B 64 -0.15 22.02 25.50
CA LYS B 64 2.21 18.40 26.72
C LYS B 64 -0.28 22.93 24.27
C LYS B 64 2.55 18.43 25.22
N ASP B 65 0.85 23.25 23.59
N ASP B 65 2.21 17.32 24.52
CA ASP B 65 0.85 24.21 22.48
CA ASP B 65 2.45 17.11 23.09
C ASP B 65 0.82 23.59 21.08
C ASP B 65 1.53 17.95 22.22
N VAL B 66 1.18 22.29 20.93
N VAL B 66 2.01 18.26 21.01
CA VAL B 66 1.27 21.55 19.66
CA VAL B 66 1.26 18.97 19.99
C VAL B 66 0.03 20.65 19.35
C VAL B 66 0.31 17.94 19.34
N LEU B 67 -0.50 20.84 18.11
N LEU B 67 -1.01 18.22 19.40
CA LEU B 67 -1.66 20.17 17.54
CA LEU B 67 -2.02 17.33 18.83
C LEU B 67 -1.31 19.41 16.24
C LEU B 67 -2.13 17.56 17.32
N VAL B 68 -1.64 18.08 16.17
N VAL B 68 -1.42 16.73 16.55
CA VAL B 68 -1.48 17.19 14.99
CA VAL B 68 -1.39 16.73 15.08
C VAL B 68 -2.82 16.46 14.72
C VAL B 68 -2.77 16.22 14.61
N PRO B 69 -3.46 16.78 13.57
CA PRO B 69 -4.75 16.16 13.20
C PRO B 69 -4.56 14.73 12.69
N CYS B 70 -5.56 13.87 12.89
CA CYS B 70 -5.51 12.48 12.45
C CYS B 70 -5.90 12.40 10.98
N LEU B 71 -5.08 13.03 10.12
CA LEU B 71 -5.30 13.12 8.69
C LEU B 71 -5.30 11.78 7.99
N LYS B 72 -6.35 11.54 7.22
CA LYS B 72 -6.47 10.37 6.35
C LYS B 72 -5.52 10.57 5.18
N ALA B 73 -5.16 9.49 4.50
CA ALA B 73 -4.28 9.58 3.34
C ALA B 73 -4.91 10.48 2.28
N GLY B 74 -4.13 11.44 1.76
CA GLY B 74 -4.57 12.38 0.74
C GLY B 74 -5.29 13.62 1.23
N HIS B 75 -5.57 13.70 2.53
CA HIS B 75 -6.26 14.83 3.15
C HIS B 75 -5.32 15.92 3.63
N VAL B 76 -5.86 17.13 3.75
CA VAL B 76 -5.15 18.34 4.18
C VAL B 76 -5.72 18.81 5.52
N GLY B 77 -4.83 19.14 6.44
CA GLY B 77 -5.15 19.63 7.78
C GLY B 77 -4.17 20.65 8.27
N VAL B 78 -4.43 21.22 9.44
CA VAL B 78 -3.59 22.27 10.02
C VAL B 78 -2.88 21.78 11.27
N VAL B 79 -1.58 22.05 11.33
CA VAL B 79 -0.67 21.78 12.45
C VAL B 79 -0.39 23.16 13.09
N SER B 80 -0.67 23.31 14.39
CA SER B 80 -0.56 24.57 15.13
C SER B 80 0.36 24.54 16.35
N VAL B 81 1.12 25.62 16.57
CA VAL B 81 1.96 25.74 17.77
C VAL B 81 1.70 27.13 18.38
N GLU B 82 1.47 27.20 19.70
CA GLU B 82 1.26 28.48 20.34
C GLU B 82 2.57 28.98 20.96
N PHE B 83 3.03 30.16 20.53
CA PHE B 83 4.28 30.77 20.99
C PHE B 83 4.05 32.08 21.73
N ILE B 84 5.11 32.57 22.38
CA ILE B 84 5.13 33.88 23.03
C ILE B 84 6.43 34.56 22.60
N ALA B 85 6.34 35.80 22.14
CA ALA B 85 7.52 36.58 21.75
C ALA B 85 8.33 36.93 23.01
N PRO B 86 9.64 36.55 23.09
CA PRO B 86 10.45 36.91 24.28
C PRO B 86 10.55 38.42 24.50
N ALA B 87 11.01 38.83 25.69
CA ALA B 87 11.08 40.25 26.05
C ALA B 87 12.14 41.02 25.30
N LEU B 88 13.26 40.36 24.96
CA LEU B 88 14.35 41.02 24.28
C LEU B 88 14.19 41.00 22.79
N GLU B 89 14.49 42.13 22.16
CA GLU B 89 14.46 42.26 20.71
C GLU B 89 15.43 41.25 20.04
N GLY B 90 15.20 40.97 18.76
CA GLY B 90 16.07 40.07 18.02
C GLY B 90 15.33 39.06 17.17
N THR B 91 16.08 38.09 16.62
CA THR B 91 15.57 37.05 15.73
C THR B 91 15.30 35.77 16.51
N TYR B 92 14.07 35.25 16.38
CA TYR B 92 13.66 34.02 17.07
C TYR B 92 13.04 33.06 16.08
N THR B 93 13.51 31.82 16.10
CA THR B 93 13.03 30.76 15.21
C THR B 93 12.69 29.52 16.01
N SER B 94 11.85 28.64 15.43
CA SER B 94 11.47 27.37 16.01
C SER B 94 11.19 26.39 14.88
N HIS B 95 11.96 25.29 14.82
CA HIS B 95 11.85 24.26 13.78
C HIS B 95 11.24 23.00 14.32
N TRP B 96 10.35 22.39 13.49
CA TRP B 96 9.57 21.21 13.82
C TRP B 96 9.51 20.24 12.66
N ARG B 97 9.25 18.98 12.96
CA ARG B 97 9.10 17.92 11.97
C ARG B 97 8.15 16.87 12.50
N LEU B 98 7.28 16.33 11.63
CA LEU B 98 6.35 15.27 12.02
C LEU B 98 7.12 13.97 12.32
N SER B 99 6.57 13.18 13.22
CA SER B 99 7.17 11.93 13.69
C SER B 99 6.08 10.93 13.97
N HIS B 100 6.16 9.75 13.36
CA HIS B 100 5.19 8.67 13.60
C HIS B 100 5.91 7.50 14.25
N LYS B 101 5.48 7.13 15.47
CA LYS B 101 6.07 6.04 16.25
C LYS B 101 7.63 6.23 16.38
N GLY B 102 8.04 7.48 16.59
CA GLY B 102 9.45 7.84 16.74
C GLY B 102 10.25 8.01 15.46
N GLN B 103 9.63 7.81 14.27
CA GLN B 103 10.34 7.99 12.99
C GLN B 103 9.87 9.26 12.30
N GLN B 104 10.80 10.19 12.11
CA GLN B 104 10.55 11.48 11.48
C GLN B 104 10.18 11.29 10.02
N PHE B 105 9.29 12.12 9.51
CA PHE B 105 8.86 12.11 8.12
C PHE B 105 8.36 13.49 7.74
N GLY B 106 8.24 13.74 6.45
CA GLY B 106 7.75 15.00 5.92
C GLY B 106 8.81 16.08 5.96
N PRO B 107 8.44 17.31 5.51
CA PRO B 107 9.42 18.41 5.53
C PRO B 107 9.62 18.99 6.92
N ARG B 108 10.65 19.83 7.05
CA ARG B 108 10.84 20.59 8.26
C ARG B 108 9.99 21.85 8.10
N VAL B 109 9.31 22.25 9.15
CA VAL B 109 8.47 23.46 9.16
C VAL B 109 8.97 24.36 10.29
N TRP B 110 8.91 25.65 10.10
CA TRP B 110 9.36 26.54 11.15
C TRP B 110 8.59 27.84 11.19
N CYS B 111 8.80 28.52 12.33
CA CYS B 111 8.33 29.85 12.60
C CYS B 111 9.55 30.73 12.78
N SER B 112 9.56 31.89 12.13
CA SER B 112 10.68 32.83 12.21
C SER B 112 10.13 34.24 12.37
N ILE B 113 10.42 34.85 13.52
CA ILE B 113 9.91 36.21 13.80
C ILE B 113 11.06 37.13 14.17
N ILE B 114 10.77 38.42 14.22
CA ILE B 114 11.66 39.45 14.72
C ILE B 114 10.92 40.15 15.86
N VAL B 115 11.52 40.12 17.07
CA VAL B 115 10.95 40.83 18.20
C VAL B 115 11.44 42.28 18.09
N ASP B 116 10.47 43.17 17.94
CA ASP B 116 10.65 44.60 17.69
C ASP B 116 9.75 45.40 18.61
N PRO B 117 10.29 46.27 19.48
CA PRO B 117 9.44 47.10 20.35
C PRO B 117 8.53 48.09 19.59
N PHE B 118 8.92 48.52 18.36
CA PHE B 118 8.12 49.45 17.54
C PHE B 118 7.81 48.88 16.14
N PRO B 119 7.08 47.76 15.93
CA PRO B 119 6.84 47.31 14.54
C PRO B 119 6.21 48.42 13.65
N SER B 120 6.49 48.35 12.34
CA SER B 120 6.05 49.32 11.33
C SER B 120 4.82 48.81 10.60
N GLY C 1 11.90 -60.05 10.50
CA GLY C 1 10.50 -59.76 10.20
C GLY C 1 10.23 -58.27 10.17
N THR C 2 8.98 -57.90 9.88
CA THR C 2 8.54 -56.49 9.78
C THR C 2 7.04 -56.33 10.10
N SER C 3 6.62 -55.11 10.42
CA SER C 3 5.24 -54.75 10.72
C SER C 3 4.96 -53.32 10.34
N VAL C 4 3.71 -53.05 9.91
CA VAL C 4 3.34 -51.66 9.64
C VAL C 4 3.33 -50.90 10.98
N MSE C 5 3.58 -49.60 10.92
CA MSE C 5 3.62 -48.77 12.09
C MSE C 5 2.74 -47.55 11.88
O MSE C 5 2.33 -47.31 10.74
CB MSE C 5 5.08 -48.39 12.38
CG MSE C 5 5.89 -49.53 13.00
SE MSE C 5 5.23 -49.98 14.75
CE MSE C 5 6.40 -48.89 15.80
N PRO C 6 2.40 -46.79 12.95
CA PRO C 6 1.59 -45.58 12.77
C PRO C 6 2.18 -44.61 11.75
N MSE C 7 1.30 -44.12 10.88
CA MSE C 7 1.64 -43.17 9.86
C MSE C 7 0.62 -42.04 9.77
O MSE C 7 -0.55 -42.25 9.45
CB MSE C 7 1.79 -43.83 8.51
CG MSE C 7 2.24 -42.83 7.46
SE MSE C 7 2.03 -43.41 5.66
CE MSE C 7 0.18 -44.49 5.73
N LEU C 8 1.11 -40.82 10.03
CA LEU C 8 0.34 -39.60 9.92
C LEU C 8 0.51 -39.05 8.53
N SER C 9 -0.59 -38.93 7.80
CA SER C 9 -0.54 -38.45 6.43
C SER C 9 -1.83 -37.68 6.11
N ALA C 10 -1.73 -36.72 5.18
CA ALA C 10 -2.88 -35.92 4.76
C ALA C 10 -2.77 -35.54 3.30
N ALA C 11 -3.91 -35.29 2.68
CA ALA C 11 -4.01 -34.80 1.30
C ALA C 11 -4.98 -33.64 1.24
N PHE C 12 -4.66 -32.65 0.41
CA PHE C 12 -5.54 -31.53 0.19
C PHE C 12 -6.66 -32.00 -0.75
N VAL C 13 -7.91 -31.58 -0.47
CA VAL C 13 -9.05 -31.95 -1.30
C VAL C 13 -9.50 -30.71 -2.08
N ASP C 14 -9.98 -29.68 -1.37
CA ASP C 14 -10.37 -28.40 -1.96
C ASP C 14 -10.42 -27.32 -0.88
N GLU C 15 -10.76 -26.10 -1.28
CA GLU C 15 -10.82 -24.95 -0.40
C GLU C 15 -11.81 -23.93 -0.90
N ASN C 16 -12.11 -22.93 -0.07
CA ASN C 16 -12.90 -21.77 -0.43
C ASN C 16 -11.87 -20.64 -0.66
N LEU C 17 -12.32 -19.38 -0.87
CA LEU C 17 -11.46 -18.20 -1.09
C LEU C 17 -10.26 -18.50 -1.96
N PRO C 18 -10.45 -18.62 -3.28
CA PRO C 18 -9.29 -18.87 -4.16
C PRO C 18 -8.19 -17.84 -3.94
N ASP C 19 -6.93 -18.26 -4.14
CA ASP C 19 -5.79 -17.37 -4.02
C ASP C 19 -5.97 -16.14 -4.89
N GLY C 20 -5.74 -14.96 -4.31
CA GLY C 20 -5.85 -13.71 -5.04
C GLY C 20 -7.20 -13.05 -4.96
N THR C 21 -8.11 -13.59 -4.13
CA THR C 21 -9.43 -13.02 -3.94
C THR C 21 -9.27 -11.62 -3.35
N HIS C 22 -10.00 -10.66 -3.92
CA HIS C 22 -10.00 -9.26 -3.48
C HIS C 22 -11.02 -9.07 -2.38
N LEU C 23 -10.58 -8.46 -1.27
CA LEU C 23 -11.45 -8.19 -0.14
C LEU C 23 -11.32 -6.74 0.30
N GLN C 24 -12.37 -6.19 0.88
CA GLN C 24 -12.34 -4.82 1.37
C GLN C 24 -11.52 -4.75 2.67
N PRO C 25 -10.85 -3.63 2.98
CA PRO C 25 -10.15 -3.54 4.28
C PRO C 25 -11.11 -3.77 5.45
N GLY C 26 -10.67 -4.54 6.44
CA GLY C 26 -11.47 -4.79 7.63
C GLY C 26 -12.42 -5.98 7.58
N THR C 27 -12.51 -6.66 6.43
CA THR C 27 -13.38 -7.83 6.25
C THR C 27 -12.93 -9.01 7.10
N LYS C 28 -13.84 -9.53 7.94
CA LYS C 28 -13.64 -10.76 8.70
C LYS C 28 -14.12 -11.89 7.82
N PHE C 29 -13.33 -12.96 7.68
CA PHE C 29 -13.70 -14.07 6.81
C PHE C 29 -13.10 -15.35 7.34
N ILE C 30 -13.71 -16.49 7.00
CA ILE C 30 -13.25 -17.80 7.43
C ILE C 30 -12.72 -18.54 6.21
N LYS C 31 -11.45 -18.93 6.27
CA LYS C 31 -10.83 -19.77 5.27
C LYS C 31 -11.07 -21.24 5.65
N HIS C 32 -11.44 -22.07 4.66
CA HIS C 32 -11.65 -23.50 4.83
C HIS C 32 -10.75 -24.28 3.91
N TRP C 33 -10.13 -25.34 4.42
CA TRP C 33 -9.42 -26.33 3.61
C TRP C 33 -10.04 -27.68 3.90
N ARG C 34 -10.56 -28.32 2.87
CA ARG C 34 -11.14 -29.66 2.99
C ARG C 34 -9.97 -30.64 2.78
N MSE C 35 -9.74 -31.49 3.77
CA MSE C 35 -8.59 -32.40 3.75
C MSE C 35 -8.94 -33.82 4.06
O MSE C 35 -9.94 -34.09 4.73
CB MSE C 35 -7.54 -31.88 4.69
CG MSE C 35 -7.00 -30.55 4.15
SE MSE C 35 -5.55 -29.90 5.13
CE MSE C 35 -4.20 -31.01 4.29
N LYS C 36 -8.13 -34.75 3.52
CA LYS C 36 -8.32 -36.18 3.69
C LYS C 36 -7.25 -36.77 4.56
N ASN C 37 -7.64 -37.71 5.47
CA ASN C 37 -6.69 -38.44 6.31
C ASN C 37 -6.20 -39.62 5.48
N THR C 38 -5.02 -39.51 4.89
CA THR C 38 -4.48 -40.56 4.02
C THR C 38 -3.47 -41.47 4.77
N GLY C 39 -3.41 -41.31 6.09
CA GLY C 39 -2.58 -42.12 6.95
C GLY C 39 -3.34 -43.32 7.44
N ASN C 40 -2.84 -43.95 8.52
CA ASN C 40 -3.50 -45.12 9.11
C ASN C 40 -3.90 -44.86 10.58
N VAL C 41 -3.71 -43.61 11.05
CA VAL C 41 -3.97 -43.15 12.41
C VAL C 41 -5.07 -42.09 12.40
N LYS C 42 -6.09 -42.28 13.25
CA LYS C 42 -7.17 -41.33 13.46
C LYS C 42 -6.59 -40.05 14.11
N TRP C 43 -6.98 -38.88 13.62
CA TRP C 43 -6.49 -37.64 14.19
C TRP C 43 -7.14 -37.44 15.56
N SER C 44 -6.48 -36.69 16.45
CA SER C 44 -6.98 -36.51 17.80
C SER C 44 -6.74 -35.10 18.32
N ALA C 45 -6.78 -34.93 19.65
CA ALA C 45 -6.52 -33.66 20.33
C ALA C 45 -5.06 -33.27 20.14
N ASP C 46 -4.19 -34.27 19.84
CA ASP C 46 -2.77 -34.09 19.58
C ASP C 46 -2.51 -33.59 18.15
N THR C 47 -3.54 -33.63 17.27
CA THR C 47 -3.45 -33.15 15.90
C THR C 47 -3.83 -31.68 15.87
N LYS C 48 -2.92 -30.85 15.38
CA LYS C 48 -3.10 -29.41 15.36
C LYS C 48 -2.71 -28.83 14.01
N LEU C 49 -3.19 -27.62 13.69
CA LEU C 49 -2.79 -26.91 12.47
C LEU C 49 -1.81 -25.82 12.91
N LYS C 50 -0.53 -26.03 12.56
CA LYS C 50 0.57 -25.14 12.92
C LYS C 50 0.74 -24.02 11.90
N PHE C 51 0.91 -22.78 12.39
CA PHE C 51 1.17 -21.61 11.59
C PHE C 51 2.63 -21.64 11.12
N MSE C 52 2.86 -21.45 9.82
CA MSE C 52 4.19 -21.50 9.21
C MSE C 52 4.77 -20.09 9.02
O MSE C 52 5.76 -19.74 9.66
CB MSE C 52 4.15 -22.26 7.87
CG MSE C 52 3.59 -23.67 7.96
SE MSE C 52 4.75 -24.84 8.96
CE MSE C 52 5.99 -25.19 7.47
N TRP C 53 4.16 -19.26 8.15
CA TRP C 53 4.57 -17.90 7.86
C TRP C 53 3.46 -17.16 7.17
N GLY C 54 3.65 -15.85 6.99
CA GLY C 54 2.69 -15.01 6.29
C GLY C 54 2.36 -13.75 7.05
N ASN C 55 1.79 -12.76 6.35
CA ASN C 55 1.48 -11.46 6.90
C ASN C 55 -0.03 -11.21 7.06
N LEU C 56 -0.89 -12.19 6.70
CA LEU C 56 -2.34 -12.08 6.87
C LEU C 56 -2.66 -12.24 8.34
N THR C 57 -3.40 -11.28 8.89
CA THR C 57 -3.74 -11.27 10.31
C THR C 57 -4.94 -12.14 10.64
N LEU C 58 -4.82 -12.83 11.79
CA LEU C 58 -5.88 -13.64 12.38
C LEU C 58 -6.94 -12.71 12.93
N ALA C 59 -8.19 -13.15 12.99
CA ALA C 59 -9.26 -12.29 13.54
C ALA C 59 -9.09 -12.11 15.05
N SER C 60 -8.74 -13.22 15.76
N SER C 60 -8.62 -13.16 15.76
CA SER C 60 -8.59 -13.31 17.21
CA SER C 60 -8.37 -13.11 17.19
C SER C 60 -7.16 -12.96 17.67
C SER C 60 -7.05 -13.85 17.52
N THR C 61 -7.06 -12.08 18.68
N THR C 61 -7.15 -15.04 18.14
CA THR C 61 -5.80 -11.64 19.29
CA THR C 61 -5.97 -15.84 18.49
C THR C 61 -5.26 -12.74 20.22
C THR C 61 -5.96 -17.13 17.67
N GLU C 62 -6.16 -13.61 20.74
N GLU C 62 -4.81 -17.81 17.67
CA GLU C 62 -5.84 -14.73 21.64
CA GLU C 62 -4.64 -19.06 16.95
C GLU C 62 -5.26 -15.92 20.83
C GLU C 62 -5.52 -20.17 17.55
N LYS C 63 -4.09 -16.43 21.24
N LYS C 63 -5.81 -20.11 18.86
CA LYS C 63 -3.40 -17.53 20.55
CA LYS C 63 -6.65 -21.07 19.59
C LYS C 63 -4.02 -18.92 20.88
C LYS C 63 -8.14 -20.83 19.35
N LYS C 64 -5.35 -19.05 20.71
N LYS C 64 -8.53 -19.56 19.13
CA LYS C 64 -6.09 -20.31 20.90
CA LYS C 64 -9.91 -19.16 18.90
C LYS C 64 -5.80 -21.28 19.73
C LYS C 64 -10.32 -19.28 17.43
N ASP C 65 -5.77 -22.59 20.00
N ASP C 65 -9.37 -19.11 16.47
CA ASP C 65 -5.48 -23.60 18.97
CA ASP C 65 -9.66 -19.11 15.02
C ASP C 65 -6.63 -23.79 17.99
C ASP C 65 -9.43 -20.44 14.29
N VAL C 66 -6.30 -24.24 16.77
N VAL C 66 -8.57 -21.35 14.82
CA VAL C 66 -7.25 -24.52 15.70
CA VAL C 66 -8.22 -22.65 14.19
C VAL C 66 -7.81 -25.92 15.96
C VAL C 66 -8.93 -23.85 14.90
N LEU C 67 -9.16 -26.05 15.94
N LEU C 67 -9.12 -24.98 14.15
CA LEU C 67 -9.87 -27.30 16.20
CA LEU C 67 -9.79 -26.21 14.62
C LEU C 67 -10.13 -28.14 14.91
C LEU C 67 -9.41 -27.45 13.77
N VAL C 68 -9.02 -28.65 14.39
CA VAL C 68 -8.75 -29.74 13.43
C VAL C 68 -9.71 -30.92 13.76
N PRO C 69 -10.46 -31.44 12.78
CA PRO C 69 -11.39 -32.55 13.08
C PRO C 69 -10.65 -33.86 13.35
N CYS C 70 -11.24 -34.73 14.18
CA CYS C 70 -10.66 -36.02 14.54
C CYS C 70 -10.97 -37.04 13.45
N LEU C 71 -10.40 -36.81 12.28
CA LEU C 71 -10.64 -37.63 11.11
C LEU C 71 -10.12 -39.04 11.25
N LYS C 72 -11.01 -40.00 10.97
CA LYS C 72 -10.66 -41.41 10.91
C LYS C 72 -9.82 -41.62 9.65
N ALA C 73 -9.00 -42.66 9.59
CA ALA C 73 -8.19 -42.95 8.40
C ALA C 73 -9.10 -43.14 7.16
N GLY C 74 -8.77 -42.42 6.09
CA GLY C 74 -9.54 -42.46 4.85
C GLY C 74 -10.71 -41.50 4.74
N HIS C 75 -10.99 -40.77 5.84
CA HIS C 75 -12.09 -39.80 5.90
C HIS C 75 -11.64 -38.38 5.52
N VAL C 76 -12.63 -37.56 5.13
CA VAL C 76 -12.45 -36.19 4.68
C VAL C 76 -13.19 -35.24 5.64
N GLY C 77 -12.53 -34.15 5.98
CA GLY C 77 -13.06 -33.13 6.87
C GLY C 77 -12.54 -31.75 6.54
N VAL C 78 -12.99 -30.74 7.30
CA VAL C 78 -12.64 -29.34 7.08
C VAL C 78 -11.81 -28.77 8.23
N VAL C 79 -10.75 -28.05 7.86
CA VAL C 79 -9.83 -27.30 8.70
C VAL C 79 -10.15 -25.81 8.40
N SER C 80 -10.43 -24.99 9.43
CA SER C 80 -10.84 -23.59 9.25
C SER C 80 -10.02 -22.62 10.08
N VAL C 81 -9.78 -21.41 9.54
CA VAL C 81 -9.07 -20.31 10.21
C VAL C 81 -9.85 -19.03 9.95
N GLU C 82 -10.13 -18.26 11.00
CA GLU C 82 -10.84 -17.00 10.86
C GLU C 82 -9.82 -15.86 10.80
N PHE C 83 -9.84 -15.08 9.70
CA PHE C 83 -8.93 -13.95 9.48
C PHE C 83 -9.64 -12.64 9.43
N ILE C 84 -8.85 -11.56 9.42
CA ILE C 84 -9.37 -10.20 9.23
C ILE C 84 -8.45 -9.54 8.21
N ALA C 85 -9.04 -8.93 7.19
CA ALA C 85 -8.29 -8.21 6.16
C ALA C 85 -7.68 -6.95 6.76
N PRO C 86 -6.32 -6.74 6.72
CA PRO C 86 -5.75 -5.51 7.28
C PRO C 86 -6.27 -4.23 6.58
N ALA C 87 -6.02 -3.08 7.21
CA ALA C 87 -6.52 -1.79 6.71
C ALA C 87 -5.86 -1.34 5.40
N LEU C 88 -4.58 -1.64 5.23
CA LEU C 88 -3.83 -1.20 4.08
C LEU C 88 -3.94 -2.18 2.95
N GLU C 89 -4.09 -1.64 1.74
CA GLU C 89 -4.14 -2.44 0.51
C GLU C 89 -2.84 -3.24 0.32
N GLY C 90 -2.93 -4.33 -0.44
CA GLY C 90 -1.78 -5.17 -0.71
C GLY C 90 -2.05 -6.64 -0.69
N THR C 91 -0.96 -7.43 -0.77
CA THR C 91 -1.02 -8.88 -0.79
C THR C 91 -0.77 -9.44 0.59
N TYR C 92 -1.69 -10.29 1.07
CA TYR C 92 -1.57 -10.90 2.40
C TYR C 92 -1.76 -12.40 2.30
N THR C 93 -0.81 -13.15 2.88
CA THR C 93 -0.83 -14.61 2.86
C THR C 93 -0.66 -15.16 4.26
N SER C 94 -1.04 -16.43 4.47
CA SER C 94 -0.90 -17.14 5.74
C SER C 94 -0.78 -18.62 5.42
N HIS C 95 0.36 -19.24 5.77
CA HIS C 95 0.67 -20.64 5.52
C HIS C 95 0.58 -21.46 6.79
N TRP C 96 0.04 -22.68 6.65
CA TRP C 96 -0.24 -23.62 7.73
C TRP C 96 0.11 -25.04 7.32
N ARG C 97 0.35 -25.90 8.32
CA ARG C 97 0.64 -27.32 8.13
C ARG C 97 0.15 -28.11 9.33
N LEU C 98 -0.43 -29.29 9.10
CA LEU C 98 -0.88 -30.16 10.20
C LEU C 98 0.32 -30.68 10.98
N SER C 99 0.10 -30.91 12.25
CA SER C 99 1.13 -31.37 13.19
C SER C 99 0.50 -32.32 14.19
N HIS C 100 1.06 -33.52 14.33
CA HIS C 100 0.59 -34.50 15.31
C HIS C 100 1.68 -34.73 16.31
N LYS C 101 1.40 -34.44 17.59
CA LYS C 101 2.35 -34.58 18.71
C LYS C 101 3.68 -33.84 18.40
N GLY C 102 3.55 -32.67 17.80
CA GLY C 102 4.69 -31.82 17.43
C GLY C 102 5.42 -32.16 16.14
N GLN C 103 4.97 -33.21 15.41
CA GLN C 103 5.60 -33.65 14.17
CA GLN C 103 5.61 -33.62 14.16
C GLN C 103 4.70 -33.26 12.98
N GLN C 104 5.19 -32.39 12.10
CA GLN C 104 4.48 -31.90 10.94
C GLN C 104 4.25 -33.02 9.94
N PHE C 105 3.11 -32.98 9.25
CA PHE C 105 2.75 -33.96 8.22
C PHE C 105 1.77 -33.32 7.25
N GLY C 106 1.60 -33.94 6.09
CA GLY C 106 0.68 -33.47 5.07
C GLY C 106 1.22 -32.29 4.28
N PRO C 107 0.40 -31.74 3.36
CA PRO C 107 0.87 -30.61 2.56
C PRO C 107 0.82 -29.30 3.32
N ARG C 108 1.44 -28.26 2.76
CA ARG C 108 1.30 -26.92 3.29
C ARG C 108 0.03 -26.37 2.67
N VAL C 109 -0.79 -25.69 3.47
CA VAL C 109 -2.03 -25.06 2.99
C VAL C 109 -1.94 -23.57 3.29
N TRP C 110 -2.52 -22.73 2.45
CA TRP C 110 -2.47 -21.31 2.70
C TRP C 110 -3.69 -20.57 2.21
N CYS C 111 -3.85 -19.36 2.71
CA CYS C 111 -4.82 -18.37 2.33
C CYS C 111 -4.05 -17.19 1.73
N SER C 112 -4.46 -16.75 0.55
CA SER C 112 -3.81 -15.63 -0.14
C SER C 112 -4.87 -14.68 -0.66
N ILE C 113 -4.89 -13.46 -0.11
CA ILE C 113 -5.88 -12.45 -0.52
C ILE C 113 -5.21 -11.18 -0.97
N ILE C 114 -6.01 -10.30 -1.57
CA ILE C 114 -5.60 -8.95 -1.96
C ILE C 114 -6.56 -8.00 -1.25
N VAL C 115 -6.02 -7.12 -0.39
CA VAL C 115 -6.84 -6.10 0.27
C VAL C 115 -7.00 -5.00 -0.78
N ASP C 116 -8.24 -4.80 -1.22
CA ASP C 116 -8.57 -3.85 -2.27
C ASP C 116 -9.72 -2.92 -1.85
N PRO C 117 -9.43 -1.63 -1.60
CA PRO C 117 -10.52 -0.69 -1.20
C PRO C 117 -11.41 -0.20 -2.34
N PHE C 118 -11.00 -0.40 -3.61
CA PHE C 118 -11.76 0.09 -4.74
C PHE C 118 -13.11 -0.62 -4.95
N PRO C 119 -14.21 0.22 -5.01
CA PRO C 119 -15.56 -0.33 -5.29
C PRO C 119 -15.71 -0.66 -6.79
N GLY D 1 15.45 -8.44 -39.36
CA GLY D 1 15.26 -8.28 -37.92
C GLY D 1 14.04 -7.45 -37.60
N THR D 2 13.75 -7.29 -36.31
CA THR D 2 12.62 -6.55 -35.79
C THR D 2 12.93 -5.91 -34.42
N SER D 3 12.17 -4.86 -34.05
CA SER D 3 12.27 -4.19 -32.76
C SER D 3 10.92 -3.69 -32.33
N VAL D 4 10.63 -3.74 -31.04
CA VAL D 4 9.40 -3.18 -30.51
C VAL D 4 9.48 -1.66 -30.71
N MSE D 5 8.33 -1.08 -30.84
CA MSE D 5 8.16 0.35 -31.06
C MSE D 5 7.13 0.86 -30.06
O MSE D 5 6.43 0.03 -29.47
CB MSE D 5 7.73 0.62 -32.51
CG MSE D 5 8.83 0.41 -33.48
SE MSE D 5 10.25 1.66 -33.33
CE MSE D 5 9.61 3.12 -34.41
N PRO D 6 7.01 2.19 -29.82
CA PRO D 6 6.04 2.65 -28.81
C PRO D 6 4.61 2.23 -29.11
N MSE D 7 3.93 1.77 -28.07
CA MSE D 7 2.55 1.36 -28.16
C MSE D 7 1.75 1.85 -26.96
O MSE D 7 2.01 1.44 -25.84
CB MSE D 7 2.42 -0.15 -28.27
CG MSE D 7 0.99 -0.57 -28.44
SE MSE D 7 0.69 -2.45 -28.16
CE MSE D 7 1.92 -2.90 -26.58
N LEU D 8 0.75 2.67 -27.24
CA LEU D 8 -0.18 3.18 -26.23
C LEU D 8 -1.38 2.27 -26.23
N SER D 9 -1.66 1.69 -25.08
CA SER D 9 -2.76 0.76 -24.95
C SER D 9 -3.32 0.82 -23.52
N ALA D 10 -4.61 0.52 -23.38
CA ALA D 10 -5.27 0.50 -22.07
C ALA D 10 -6.35 -0.56 -22.06
N ALA D 11 -6.67 -1.06 -20.87
CA ALA D 11 -7.74 -2.01 -20.63
C ALA D 11 -8.57 -1.55 -19.47
N PHE D 12 -9.88 -1.72 -19.57
CA PHE D 12 -10.77 -1.42 -18.47
C PHE D 12 -10.66 -2.55 -17.45
N VAL D 13 -10.63 -2.18 -16.15
CA VAL D 13 -10.56 -3.19 -15.09
C VAL D 13 -11.92 -3.24 -14.39
N ASP D 14 -12.31 -2.13 -13.75
CA ASP D 14 -13.60 -2.02 -13.09
C ASP D 14 -13.94 -0.56 -12.84
N GLU D 15 -15.10 -0.31 -12.23
CA GLU D 15 -15.61 1.02 -11.96
C GLU D 15 -16.54 1.04 -10.74
N ASN D 16 -16.87 2.22 -10.25
CA ASN D 16 -17.94 2.46 -9.26
C ASN D 16 -19.19 2.90 -10.07
N LEU D 17 -20.28 3.32 -9.41
CA LEU D 17 -21.53 3.83 -10.04
C LEU D 17 -21.94 3.02 -11.24
N PRO D 18 -22.51 1.82 -11.02
CA PRO D 18 -22.95 1.01 -12.17
C PRO D 18 -23.92 1.79 -13.06
N ASP D 19 -23.90 1.49 -14.36
CA ASP D 19 -24.79 2.11 -15.34
C ASP D 19 -26.22 1.98 -14.88
N GLY D 20 -26.96 3.09 -14.92
CA GLY D 20 -28.36 3.09 -14.55
C GLY D 20 -28.62 3.41 -13.10
N THR D 21 -27.57 3.80 -12.34
CA THR D 21 -27.71 4.21 -10.95
C THR D 21 -28.63 5.41 -10.88
N HIS D 22 -29.62 5.37 -9.98
CA HIS D 22 -30.59 6.43 -9.76
C HIS D 22 -30.05 7.44 -8.78
N LEU D 23 -30.09 8.72 -9.14
CA LEU D 23 -29.60 9.81 -8.29
C LEU D 23 -30.64 10.93 -8.18
N GLN D 24 -30.60 11.69 -7.10
CA GLN D 24 -31.51 12.81 -6.93
C GLN D 24 -31.00 14.02 -7.73
N PRO D 25 -31.88 14.93 -8.20
CA PRO D 25 -31.39 16.11 -8.91
C PRO D 25 -30.43 16.93 -8.06
N GLY D 26 -29.34 17.40 -8.67
CA GLY D 26 -28.33 18.22 -7.99
C GLY D 26 -27.21 17.49 -7.28
N THR D 27 -27.23 16.16 -7.28
CA THR D 27 -26.21 15.36 -6.61
C THR D 27 -24.85 15.48 -7.30
N LYS D 28 -23.82 15.87 -6.53
CA LYS D 28 -22.43 15.90 -6.98
C LYS D 28 -21.84 14.52 -6.71
N PHE D 29 -21.17 13.93 -7.68
CA PHE D 29 -20.62 12.60 -7.49
C PHE D 29 -19.37 12.43 -8.33
N ILE D 30 -18.48 11.52 -7.90
CA ILE D 30 -17.25 11.23 -8.63
C ILE D 30 -17.37 9.87 -9.28
N LYS D 31 -17.14 9.83 -10.59
CA LYS D 31 -17.09 8.57 -11.33
C LYS D 31 -15.64 8.11 -11.36
N HIS D 32 -15.38 6.84 -11.05
CA HIS D 32 -14.04 6.24 -11.09
C HIS D 32 -14.00 5.08 -12.04
N TRP D 33 -13.01 5.05 -12.93
CA TRP D 33 -12.76 3.90 -13.81
C TRP D 33 -11.36 3.41 -13.54
N ARG D 34 -11.25 2.16 -13.08
CA ARG D 34 -9.93 1.61 -12.83
C ARG D 34 -9.46 1.01 -14.13
N MSE D 35 -8.22 1.36 -14.50
CA MSE D 35 -7.68 0.97 -15.77
C MSE D 35 -6.26 0.50 -15.71
O MSE D 35 -5.49 0.89 -14.81
CB MSE D 35 -7.81 2.14 -16.75
CG MSE D 35 -9.28 2.41 -17.03
SE MSE D 35 -9.56 3.68 -18.33
CE MSE D 35 -9.37 2.48 -19.85
N LYS D 36 -5.91 -0.38 -16.65
CA LYS D 36 -4.57 -0.92 -16.76
C LYS D 36 -3.86 -0.37 -17.98
N ASN D 37 -2.58 -0.02 -17.82
CA ASN D 37 -1.77 0.42 -18.93
C ASN D 37 -1.23 -0.86 -19.56
N THR D 38 -1.83 -1.29 -20.69
CA THR D 38 -1.45 -2.55 -21.36
C THR D 38 -0.49 -2.30 -22.52
N GLY D 39 0.03 -1.07 -22.61
CA GLY D 39 1.01 -0.67 -23.61
C GLY D 39 2.41 -0.82 -23.08
N ASN D 40 3.39 -0.27 -23.79
CA ASN D 40 4.78 -0.36 -23.36
C ASN D 40 5.33 1.06 -23.03
N VAL D 41 4.47 2.07 -23.05
CA VAL D 41 4.78 3.48 -22.81
C VAL D 41 4.07 3.95 -21.55
N LYS D 42 4.83 4.54 -20.64
CA LYS D 42 4.33 5.16 -19.41
C LYS D 42 3.48 6.38 -19.80
N TRP D 43 2.29 6.54 -19.21
CA TRP D 43 1.46 7.69 -19.50
C TRP D 43 2.05 8.91 -18.83
N SER D 44 1.87 10.09 -19.44
CA SER D 44 2.51 11.32 -18.99
C SER D 44 1.56 12.50 -19.02
N ALA D 45 2.11 13.73 -19.04
CA ALA D 45 1.34 14.98 -19.15
C ALA D 45 0.65 15.06 -20.52
N ASP D 46 1.18 14.31 -21.50
CA ASP D 46 0.65 14.20 -22.85
C ASP D 46 -0.54 13.25 -22.93
N THR D 47 -0.79 12.46 -21.86
CA THR D 47 -1.91 11.53 -21.77
C THR D 47 -3.08 12.27 -21.13
N LYS D 48 -4.20 12.27 -21.83
CA LYS D 48 -5.38 12.98 -21.40
C LYS D 48 -6.63 12.08 -21.57
N LEU D 49 -7.70 12.39 -20.83
CA LEU D 49 -9.00 11.71 -20.98
C LEU D 49 -9.89 12.65 -21.77
N LYS D 50 -10.12 12.32 -23.04
CA LYS D 50 -10.90 13.10 -23.98
C LYS D 50 -12.39 12.81 -23.86
N PHE D 51 -13.20 13.86 -23.84
CA PHE D 51 -14.66 13.78 -23.83
C PHE D 51 -15.13 13.42 -25.24
N MSE D 52 -15.99 12.39 -25.35
CA MSE D 52 -16.50 11.90 -26.62
C MSE D 52 -17.89 12.48 -26.92
O MSE D 52 -18.04 13.25 -27.88
CB MSE D 52 -16.54 10.36 -26.62
CG MSE D 52 -15.19 9.72 -26.33
SE MSE D 52 -13.89 10.05 -27.74
CE MSE D 52 -14.58 8.65 -28.98
N TRP D 53 -18.91 12.12 -26.11
CA TRP D 53 -20.29 12.60 -26.26
C TRP D 53 -21.06 12.31 -24.97
N GLY D 54 -22.27 12.83 -24.90
CA GLY D 54 -23.15 12.63 -23.75
C GLY D 54 -23.74 13.91 -23.21
N ASN D 55 -24.79 13.80 -22.41
CA ASN D 55 -25.53 14.94 -21.88
C ASN D 55 -25.36 15.11 -20.35
N LEU D 56 -24.58 14.24 -19.68
CA LEU D 56 -24.32 14.36 -18.25
C LEU D 56 -23.36 15.50 -18.03
N THR D 57 -23.74 16.43 -17.15
CA THR D 57 -22.97 17.63 -16.87
C THR D 57 -21.84 17.40 -15.87
N LEU D 58 -20.68 18.01 -16.16
CA LEU D 58 -19.53 18.08 -15.27
C LEU D 58 -19.87 18.99 -14.09
N ALA D 59 -19.24 18.77 -12.93
N ALA D 59 -19.26 18.76 -12.92
CA ALA D 59 -19.46 19.62 -11.76
CA ALA D 59 -19.49 19.63 -11.77
C ALA D 59 -19.02 21.06 -12.02
C ALA D 59 -18.72 20.95 -11.96
N SER D 60 -17.94 21.25 -12.81
N SER D 60 -17.58 20.89 -12.68
CA SER D 60 -17.41 22.56 -13.18
CA SER D 60 -16.74 22.06 -12.96
C SER D 60 -16.75 22.57 -14.60
C SER D 60 -16.99 22.59 -14.39
N THR D 61 -15.40 22.41 -14.66
N THR D 61 -17.25 23.91 -14.48
CA THR D 61 -14.58 22.44 -15.88
CA THR D 61 -17.51 24.66 -15.71
C THR D 61 -13.88 21.10 -16.09
C THR D 61 -16.19 25.28 -16.25
N GLU D 62 -13.45 20.84 -17.32
N GLU D 62 -15.11 25.23 -15.44
CA GLU D 62 -12.73 19.61 -17.68
CA GLU D 62 -13.76 25.79 -15.68
C GLU D 62 -11.35 19.54 -17.02
C GLU D 62 -12.99 25.19 -16.89
N LYS D 63 -10.61 20.68 -17.01
N LYS D 63 -13.49 24.08 -17.47
CA LYS D 63 -9.26 20.80 -16.43
CA LYS D 63 -12.94 23.38 -18.64
C LYS D 63 -9.30 20.69 -14.91
C LYS D 63 -11.43 22.98 -18.47
N LYS D 64 -10.49 20.89 -14.30
N LYS D 64 -11.04 22.57 -17.24
CA LYS D 64 -10.72 20.84 -12.87
CA LYS D 64 -9.68 22.10 -16.95
C LYS D 64 -11.39 19.51 -12.42
C LYS D 64 -9.58 20.60 -17.30
N ASP D 65 -12.16 18.86 -13.33
N ASP D 65 -8.39 20.13 -17.75
CA ASP D 65 -12.92 17.64 -12.99
CA ASP D 65 -8.16 18.73 -18.18
C ASP D 65 -12.27 16.33 -13.43
C ASP D 65 -8.28 17.74 -17.05
N VAL D 66 -11.33 16.35 -14.41
N VAL D 66 -8.76 16.52 -17.39
CA VAL D 66 -10.70 15.14 -14.96
CA VAL D 66 -8.83 15.39 -16.47
C VAL D 66 -9.20 15.01 -14.56
C VAL D 66 -7.38 14.87 -16.33
N LEU D 67 -8.79 13.78 -14.19
N LEU D 67 -6.89 14.85 -15.08
CA LEU D 67 -7.40 13.42 -13.83
CA LEU D 67 -5.54 14.42 -14.72
C LEU D 67 -7.01 12.06 -14.43
C LEU D 67 -5.51 12.91 -14.66
N VAL D 68 -5.78 11.97 -14.96
N VAL D 68 -5.00 12.31 -15.73
CA VAL D 68 -5.16 10.79 -15.58
CA VAL D 68 -4.86 10.86 -15.89
C VAL D 68 -3.79 10.52 -14.90
C VAL D 68 -3.64 10.45 -15.08
N PRO D 69 -3.63 9.33 -14.29
CA PRO D 69 -2.38 8.99 -13.59
C PRO D 69 -1.26 8.65 -14.58
N CYS D 70 -0.02 8.89 -14.19
CA CYS D 70 1.13 8.60 -15.04
C CYS D 70 1.52 7.13 -14.88
N LEU D 71 0.59 6.23 -15.27
CA LEU D 71 0.73 4.78 -15.16
C LEU D 71 1.90 4.23 -15.92
N LYS D 72 2.74 3.47 -15.22
CA LYS D 72 3.85 2.77 -15.84
C LYS D 72 3.26 1.61 -16.64
N ALA D 73 4.00 1.12 -17.63
CA ALA D 73 3.55 -0.01 -18.44
C ALA D 73 3.26 -1.26 -17.56
N GLY D 74 2.06 -1.83 -17.70
CA GLY D 74 1.63 -3.01 -16.93
C GLY D 74 0.97 -2.71 -15.61
N HIS D 75 0.94 -1.43 -15.19
CA HIS D 75 0.37 -1.02 -13.92
C HIS D 75 -1.10 -0.60 -14.05
N VAL D 76 -1.80 -0.60 -12.91
CA VAL D 76 -3.23 -0.29 -12.77
C VAL D 76 -3.38 0.99 -11.93
N GLY D 77 -4.27 1.87 -12.39
CA GLY D 77 -4.59 3.14 -11.75
C GLY D 77 -6.02 3.57 -12.00
N VAL D 78 -6.44 4.69 -11.40
CA VAL D 78 -7.81 5.19 -11.47
C VAL D 78 -7.87 6.53 -12.18
N VAL D 79 -8.82 6.60 -13.11
CA VAL D 79 -9.20 7.77 -13.88
C VAL D 79 -10.55 8.21 -13.27
N SER D 80 -10.65 9.49 -12.85
CA SER D 80 -11.84 10.01 -12.20
C SER D 80 -12.36 11.30 -12.88
N VAL D 81 -13.69 11.50 -12.83
CA VAL D 81 -14.40 12.67 -13.40
C VAL D 81 -15.49 13.06 -12.40
N GLU D 82 -15.53 14.33 -11.98
CA GLU D 82 -16.59 14.77 -11.07
C GLU D 82 -17.78 15.35 -11.88
N PHE D 83 -18.97 14.85 -11.58
CA PHE D 83 -20.20 15.25 -12.26
C PHE D 83 -21.21 15.81 -11.31
N ILE D 84 -22.26 16.43 -11.86
CA ILE D 84 -23.40 16.91 -11.11
C ILE D 84 -24.66 16.44 -11.85
N ALA D 85 -25.59 15.83 -11.11
CA ALA D 85 -26.86 15.37 -11.68
C ALA D 85 -27.71 16.59 -12.05
N PRO D 86 -28.14 16.75 -13.34
CA PRO D 86 -28.96 17.92 -13.72
C PRO D 86 -30.29 17.99 -12.93
N ALA D 87 -30.97 19.15 -12.99
CA ALA D 87 -32.21 19.37 -12.23
C ALA D 87 -33.39 18.54 -12.74
N LEU D 88 -33.44 18.27 -14.05
CA LEU D 88 -34.54 17.56 -14.64
C LEU D 88 -34.30 16.06 -14.61
N GLU D 89 -35.38 15.31 -14.33
CA GLU D 89 -35.35 13.85 -14.37
C GLU D 89 -34.97 13.32 -15.79
N GLY D 90 -34.50 12.09 -15.86
CA GLY D 90 -34.15 11.49 -17.14
C GLY D 90 -32.86 10.72 -17.14
N THR D 91 -32.42 10.29 -18.35
CA THR D 91 -31.20 9.52 -18.57
C THR D 91 -30.07 10.43 -18.99
N TYR D 92 -28.94 10.37 -18.28
CA TYR D 92 -27.77 11.18 -18.57
C TYR D 92 -26.54 10.31 -18.67
N THR D 93 -25.77 10.48 -19.76
CA THR D 93 -24.57 9.71 -20.01
C THR D 93 -23.41 10.63 -20.35
N SER D 94 -22.18 10.16 -20.18
CA SER D 94 -20.97 10.89 -20.54
C SER D 94 -19.87 9.90 -20.94
N HIS D 95 -19.41 9.94 -22.20
CA HIS D 95 -18.41 9.02 -22.77
C HIS D 95 -17.07 9.69 -22.92
N TRP D 96 -16.01 8.94 -22.60
CA TRP D 96 -14.62 9.37 -22.56
C TRP D 96 -13.69 8.32 -23.16
N ARG D 97 -12.52 8.76 -23.62
CA ARG D 97 -11.49 7.89 -24.15
C ARG D 97 -10.14 8.52 -23.90
N LEU D 98 -9.14 7.71 -23.55
CA LEU D 98 -7.77 8.20 -23.34
C LEU D 98 -7.17 8.66 -24.68
N SER D 99 -6.27 9.62 -24.60
CA SER D 99 -5.60 10.21 -25.74
C SER D 99 -4.19 10.58 -25.38
N HIS D 100 -3.21 10.10 -26.14
CA HIS D 100 -1.79 10.41 -25.92
C HIS D 100 -1.27 11.18 -27.11
N LYS D 101 -0.80 12.41 -26.87
CA LYS D 101 -0.28 13.31 -27.92
C LYS D 101 -1.31 13.47 -29.07
N GLY D 102 -2.59 13.57 -28.70
CA GLY D 102 -3.68 13.75 -29.64
C GLY D 102 -4.21 12.48 -30.31
N GLN D 103 -3.63 11.29 -30.02
CA GLN D 103 -4.09 10.04 -30.62
C GLN D 103 -4.80 9.20 -29.59
N GLN D 104 -6.07 8.92 -29.84
CA GLN D 104 -6.94 8.14 -28.98
C GLN D 104 -6.45 6.71 -28.89
N PHE D 105 -6.60 6.09 -27.71
CA PHE D 105 -6.25 4.70 -27.49
C PHE D 105 -7.09 4.16 -26.36
N GLY D 106 -7.11 2.84 -26.22
CA GLY D 106 -7.85 2.16 -25.17
C GLY D 106 -9.33 2.08 -25.44
N PRO D 107 -10.10 1.52 -24.48
CA PRO D 107 -11.56 1.45 -24.68
C PRO D 107 -12.26 2.77 -24.41
N ARG D 108 -13.52 2.83 -24.78
CA ARG D 108 -14.36 3.96 -24.41
C ARG D 108 -14.90 3.63 -23.02
N VAL D 109 -14.93 4.61 -22.13
CA VAL D 109 -15.46 4.45 -20.77
C VAL D 109 -16.58 5.49 -20.62
N TRP D 110 -17.59 5.16 -19.84
CA TRP D 110 -18.67 6.11 -19.63
C TRP D 110 -19.31 6.00 -18.28
N CYS D 111 -20.07 7.04 -17.98
CA CYS D 111 -20.95 7.15 -16.84
C CYS D 111 -22.37 7.24 -17.35
N SER D 112 -23.27 6.45 -16.77
CA SER D 112 -24.68 6.45 -17.16
C SER D 112 -25.55 6.43 -15.91
N ILE D 113 -26.31 7.49 -15.70
CA ILE D 113 -27.17 7.60 -14.52
C ILE D 113 -28.60 7.89 -14.92
N ILE D 114 -29.51 7.77 -13.95
CA ILE D 114 -30.91 8.16 -14.08
C ILE D 114 -31.19 9.18 -13.00
N VAL D 115 -31.65 10.38 -13.39
CA VAL D 115 -32.03 11.41 -12.42
C VAL D 115 -33.50 11.14 -12.08
N ASP D 116 -33.78 10.85 -10.82
CA ASP D 116 -35.13 10.57 -10.33
C ASP D 116 -35.89 11.86 -10.06
N PRO D 117 -37.23 11.91 -10.20
CA PRO D 117 -37.96 13.13 -9.79
C PRO D 117 -37.94 13.30 -8.28
N PHE D 118 -38.07 14.54 -7.81
CA PHE D 118 -38.08 14.84 -6.37
C PHE D 118 -39.28 14.14 -5.69
N PRO D 119 -39.06 13.48 -4.52
CA PRO D 119 -40.15 12.73 -3.87
C PRO D 119 -41.25 13.61 -3.26
S SO4 E . 3.98 -16.15 0.45
O1 SO4 E . 4.53 -15.62 -0.77
O2 SO4 E . 2.72 -16.82 0.13
O3 SO4 E . 4.97 -17.02 0.99
O4 SO4 E . 3.78 -15.06 1.36
S SO4 F . 6.69 8.70 -10.78
O1 SO4 F . 7.55 8.77 -11.95
O2 SO4 F . 5.33 9.02 -11.20
O3 SO4 F . 6.77 7.37 -10.16
O4 SO4 F . 7.15 9.70 -9.82
S SO4 G . 23.26 11.07 -14.95
O1 SO4 G . 24.47 11.65 -15.55
O2 SO4 G . 22.39 12.17 -14.49
O3 SO4 G . 22.56 10.25 -15.94
O4 SO4 G . 23.66 10.21 -13.82
C1 EDO H . 1.94 -13.48 -2.64
O1 EDO H . 1.14 -13.57 -3.81
C2 EDO H . 3.32 -13.99 -2.97
O2 EDO H . 3.24 -15.39 -3.15
C1 EDO I . 22.21 12.04 -1.21
O1 EDO I . 22.52 11.96 0.20
C2 EDO I . 21.10 13.09 -1.48
O2 EDO I . 20.99 13.32 -2.87
C1 EDO J . 11.20 5.63 7.75
O1 EDO J . 11.07 4.66 8.79
C2 EDO J . 12.58 6.31 7.81
O2 EDO J . 12.78 6.94 9.08
S SO4 K . 10.24 11.35 18.91
O1 SO4 K . 9.89 12.70 19.39
O2 SO4 K . 9.08 10.47 19.09
O3 SO4 K . 10.59 11.42 17.48
O4 SO4 K . 11.38 10.84 19.67
S SO4 L . 5.00 1.72 -0.95
O1 SO4 L . 5.85 2.53 -1.88
O2 SO4 L . 3.76 2.48 -0.80
O3 SO4 L . 4.69 0.44 -1.53
O4 SO4 L . 5.65 1.51 0.34
C1 EDO M . 15.08 30.24 9.09
O1 EDO M . 15.72 29.75 7.89
C2 EDO M . 14.43 31.66 8.83
O2 EDO M . 14.80 32.71 9.76
C1 EDO N . -15.04 -26.20 0.41
O1 EDO N . -13.73 -26.70 0.26
C2 EDO N . -15.04 -25.12 1.52
O2 EDO N . -14.21 -25.59 2.56
C1 EDO O . -17.55 -22.29 1.59
O1 EDO O . -17.16 -22.69 0.27
C2 EDO O . -17.54 -20.75 1.70
O2 EDO O . -17.75 -20.38 3.05
C1 EDO P . -14.98 -19.99 -2.99
O1 EDO P . -15.20 -21.37 -3.28
C2 EDO P . -15.88 -19.49 -1.83
O2 EDO P . -15.31 -18.32 -1.26
S SO4 Q . -25.38 7.01 -24.84
O1 SO4 Q . -25.70 8.39 -24.60
O2 SO4 Q . -26.58 6.25 -25.05
O3 SO4 Q . -24.54 6.97 -25.98
O4 SO4 Q . -24.67 6.45 -23.71
S SO4 R . 2.68 2.30 -8.72
O1 SO4 R . 2.81 3.76 -8.80
O2 SO4 R . 1.67 1.82 -9.69
O3 SO4 R . 3.99 1.69 -8.99
O4 SO4 R . 2.26 1.91 -7.38
C1 EDO S . -24.30 3.26 -23.46
O1 EDO S . -24.88 1.96 -23.41
C2 EDO S . -24.44 3.98 -22.09
O2 EDO S . -25.81 4.08 -21.64
C1 EDO T . 8.96 3.08 -21.95
O1 EDO T . 8.27 3.42 -23.16
C2 EDO T . 8.17 3.59 -20.73
O2 EDO T . 7.82 4.95 -20.96
#